data_6H86
#
_entry.id   6H86
#
_cell.length_a   75.576
_cell.length_b   75.576
_cell.length_c   101.511
_cell.angle_alpha   90.00
_cell.angle_beta   90.00
_cell.angle_gamma   120.00
#
_symmetry.space_group_name_H-M   'H 3'
#
loop_
_entity.id
_entity.type
_entity.pdbx_description
1 polymer 'Synaptonemal complex central element protein 3'
2 water water
#
_entity_poly.entity_id   1
_entity_poly.type   'polypeptide(L)'
_entity_poly.pdbx_seq_one_letter_code
;MADSDPGERSYDNMLKMLSDLNKDLEKLLEEMEKISVQATWMAYDMVVMRTNPTLAESMRRLEDAFLNCKEEMEKNWQEL
LTETKRKQ
;
_entity_poly.pdbx_strand_id   A,B
#
# COMPACT_ATOMS: atom_id res chain seq x y z
N SER A 10 -30.74 -17.20 4.62
CA SER A 10 -30.04 -15.93 4.52
C SER A 10 -28.68 -15.98 5.23
N TYR A 11 -28.59 -16.70 6.35
CA TYR A 11 -27.32 -16.84 7.06
C TYR A 11 -26.21 -17.29 6.12
N ASP A 12 -26.49 -18.27 5.28
CA ASP A 12 -25.49 -18.75 4.33
C ASP A 12 -25.15 -17.68 3.30
N ASN A 13 -26.14 -16.89 2.88
CA ASN A 13 -25.86 -15.79 1.95
C ASN A 13 -24.97 -14.73 2.60
N MET A 14 -25.26 -14.37 3.86
CA MET A 14 -24.38 -13.43 4.57
C MET A 14 -22.98 -13.99 4.68
N LEU A 15 -22.87 -15.30 4.94
CA LEU A 15 -21.56 -15.92 4.99
C LEU A 15 -20.84 -15.77 3.66
N LYS A 16 -21.56 -15.91 2.53
CA LYS A 16 -20.91 -15.79 1.22
C LYS A 16 -20.44 -14.36 0.95
N MET A 17 -21.29 -13.35 1.26
CA MET A 17 -20.90 -11.95 1.06
C MET A 17 -19.69 -11.61 1.92
N LEU A 18 -19.73 -12.02 3.19
CA LEU A 18 -18.60 -11.82 4.08
C LEU A 18 -17.36 -12.50 3.56
N SER A 19 -17.49 -13.72 3.07
CA SER A 19 -16.34 -14.41 2.47
C SER A 19 -15.69 -13.56 1.36
N ASP A 20 -16.51 -12.97 0.49
CA ASP A 20 -15.99 -12.22 -0.65
C ASP A 20 -15.33 -10.92 -0.20
N LEU A 21 -15.93 -10.24 0.78
CA LEU A 21 -15.29 -9.03 1.29
C LEU A 21 -13.95 -9.36 1.98
N ASN A 22 -13.93 -10.43 2.77
CA ASN A 22 -12.71 -10.86 3.43
C ASN A 22 -11.63 -11.18 2.42
N LYS A 23 -11.96 -11.92 1.35
CA LYS A 23 -11.01 -12.26 0.31
C LYS A 23 -10.40 -10.99 -0.28
N ASP A 24 -11.24 -10.01 -0.62
CA ASP A 24 -10.74 -8.81 -1.31
C ASP A 24 -9.92 -7.92 -0.38
N LEU A 25 -10.37 -7.77 0.88
CA LEU A 25 -9.56 -7.03 1.84
C LEU A 25 -8.20 -7.70 2.00
N GLU A 26 -8.22 -9.04 2.12
CA GLU A 26 -7.02 -9.84 2.27
CA GLU A 26 -7.02 -9.84 2.26
C GLU A 26 -6.07 -9.63 1.10
N LYS A 27 -6.60 -9.61 -0.12
CA LYS A 27 -5.73 -9.40 -1.28
C LYS A 27 -5.08 -8.02 -1.24
N LEU A 28 -5.82 -6.99 -0.80
CA LEU A 28 -5.21 -5.68 -0.61
C LEU A 28 -4.13 -5.70 0.47
N LEU A 29 -4.45 -6.26 1.63
CA LEU A 29 -3.47 -6.27 2.71
C LEU A 29 -2.21 -7.05 2.31
N GLU A 30 -2.36 -8.17 1.62
CA GLU A 30 -1.24 -9.00 1.21
C GLU A 30 -0.40 -8.29 0.18
N GLU A 31 -1.04 -7.50 -0.70
CA GLU A 31 -0.27 -6.70 -1.65
C GLU A 31 0.61 -5.69 -0.93
N MET A 32 0.01 -4.99 0.02
CA MET A 32 0.77 -4.03 0.80
C MET A 32 1.89 -4.69 1.62
N GLU A 33 1.63 -5.87 2.16
CA GLU A 33 2.68 -6.62 2.88
C GLU A 33 3.85 -6.91 1.97
N LYS A 34 3.59 -7.38 0.73
CA LYS A 34 4.65 -7.67 -0.21
C LYS A 34 5.45 -6.43 -0.52
N ILE A 35 4.79 -5.31 -0.79
CA ILE A 35 5.50 -4.07 -1.07
C ILE A 35 6.36 -3.67 0.12
N SER A 36 5.78 -3.75 1.32
CA SER A 36 6.50 -3.38 2.54
CA SER A 36 6.50 -3.38 2.54
C SER A 36 7.79 -4.17 2.67
N VAL A 37 7.71 -5.50 2.56
CA VAL A 37 8.89 -6.31 2.80
C VAL A 37 9.93 -6.08 1.71
N GLN A 38 9.46 -5.98 0.45
CA GLN A 38 10.41 -5.79 -0.63
C GLN A 38 11.09 -4.42 -0.56
N ALA A 39 10.33 -3.38 -0.24
CA ALA A 39 10.91 -2.06 -0.20
C ALA A 39 11.93 -1.98 0.93
N THR A 40 11.63 -2.60 2.07
CA THR A 40 12.60 -2.62 3.18
C THR A 40 13.88 -3.31 2.76
N TRP A 41 13.78 -4.50 2.11
CA TRP A 41 15.05 -5.10 1.70
C TRP A 41 15.76 -4.33 0.56
N MET A 42 15.06 -3.66 -0.34
CA MET A 42 15.77 -2.85 -1.31
C MET A 42 16.60 -1.77 -0.59
N ALA A 43 16.03 -1.17 0.44
CA ALA A 43 16.77 -0.14 1.18
C ALA A 43 17.93 -0.76 1.97
N TYR A 44 17.67 -1.83 2.66
CA TYR A 44 18.75 -2.31 3.53
C TYR A 44 19.88 -2.97 2.74
N ASP A 45 19.53 -3.58 1.61
CA ASP A 45 20.56 -4.18 0.77
C ASP A 45 21.48 -3.11 0.18
N MET A 46 20.91 -1.96 -0.16
CA MET A 46 21.70 -0.91 -0.75
C MET A 46 22.67 -0.36 0.27
N VAL A 47 22.19 -0.17 1.51
CA VAL A 47 23.11 0.40 2.49
C VAL A 47 24.18 -0.60 2.90
N VAL A 48 23.96 -1.90 2.72
CA VAL A 48 25.02 -2.84 3.02
C VAL A 48 25.94 -3.09 1.81
N MET A 49 25.45 -2.97 0.58
CA MET A 49 26.29 -3.08 -0.62
C MET A 49 26.93 -1.72 -0.92
N ARG A 50 27.74 -1.24 0.04
CA ARG A 50 28.30 0.09 -0.06
C ARG A 50 29.42 0.20 -1.10
N THR A 51 30.03 -0.92 -1.48
CA THR A 51 31.08 -0.89 -2.50
C THR A 51 30.57 -0.39 -3.85
N ASN A 52 29.25 -0.38 -4.04
CA ASN A 52 28.63 0.22 -5.22
C ASN A 52 29.26 1.58 -5.52
N PRO A 53 29.76 1.79 -6.74
CA PRO A 53 30.45 3.07 -7.02
C PRO A 53 29.51 4.27 -7.11
N THR A 54 28.27 4.04 -7.52
CA THR A 54 27.25 5.08 -7.62
C THR A 54 26.24 5.01 -6.46
N LEU A 55 26.70 4.71 -5.25
CA LEU A 55 25.80 4.63 -4.10
C LEU A 55 24.91 5.87 -4.02
N ALA A 56 25.47 7.07 -4.20
CA ALA A 56 24.64 8.27 -4.05
C ALA A 56 23.45 8.21 -5.01
N GLU A 57 23.72 7.94 -6.29
CA GLU A 57 22.67 7.99 -7.29
C GLU A 57 21.64 6.90 -7.06
N SER A 58 22.09 5.69 -6.73
CA SER A 58 21.11 4.63 -6.47
C SER A 58 20.29 4.91 -5.23
N MET A 59 20.87 5.48 -4.18
CA MET A 59 20.03 5.84 -3.05
C MET A 59 19.02 6.91 -3.44
N ARG A 60 19.44 7.92 -4.21
CA ARG A 60 18.50 8.95 -4.64
CA ARG A 60 18.50 8.96 -4.64
C ARG A 60 17.36 8.38 -5.48
N ARG A 61 17.69 7.52 -6.43
CA ARG A 61 16.67 6.92 -7.28
C ARG A 61 15.66 6.13 -6.45
N LEU A 62 16.15 5.32 -5.52
CA LEU A 62 15.25 4.51 -4.70
C LEU A 62 14.38 5.36 -3.79
N GLU A 63 14.96 6.38 -3.15
CA GLU A 63 14.17 7.17 -2.21
C GLU A 63 13.12 8.01 -2.94
N ASP A 64 13.46 8.50 -4.11
CA ASP A 64 12.46 9.21 -4.90
C ASP A 64 11.38 8.27 -5.46
N ALA A 65 11.76 7.04 -5.82
CA ALA A 65 10.77 6.01 -6.19
C ALA A 65 9.82 5.69 -5.03
N PHE A 66 10.37 5.59 -3.81
CA PHE A 66 9.53 5.40 -2.64
C PHE A 66 8.51 6.55 -2.50
N LEU A 67 9.00 7.80 -2.63
CA LEU A 67 8.10 8.96 -2.46
C LEU A 67 7.02 8.99 -3.55
N ASN A 68 7.41 8.61 -4.77
CA ASN A 68 6.46 8.55 -5.87
C ASN A 68 5.39 7.51 -5.60
N CYS A 69 5.80 6.31 -5.18
CA CYS A 69 4.84 5.28 -4.86
C CYS A 69 3.92 5.66 -3.71
N LYS A 70 4.47 6.27 -2.65
CA LYS A 70 3.64 6.77 -1.57
C LYS A 70 2.60 7.76 -2.07
N GLU A 71 3.00 8.71 -2.92
CA GLU A 71 2.06 9.71 -3.41
C GLU A 71 0.99 9.09 -4.31
N GLU A 72 1.37 8.15 -5.16
CA GLU A 72 0.38 7.43 -5.98
C GLU A 72 -0.60 6.66 -5.10
N MET A 73 -0.09 6.00 -4.06
CA MET A 73 -0.98 5.27 -3.18
C MET A 73 -1.94 6.20 -2.50
N GLU A 74 -1.48 7.39 -2.06
CA GLU A 74 -2.41 8.35 -1.48
CA GLU A 74 -2.40 8.38 -1.48
C GLU A 74 -3.51 8.75 -2.46
N LYS A 75 -3.14 8.94 -3.73
CA LYS A 75 -4.17 9.25 -4.72
C LYS A 75 -5.11 8.08 -4.93
N ASN A 76 -4.58 6.85 -5.03
CA ASN A 76 -5.46 5.66 -5.08
C ASN A 76 -6.42 5.66 -3.89
N TRP A 77 -5.91 6.00 -2.70
CA TRP A 77 -6.76 5.92 -1.51
C TRP A 77 -7.86 6.98 -1.53
N GLN A 78 -7.54 8.18 -1.98
CA GLN A 78 -8.58 9.20 -2.17
C GLN A 78 -9.61 8.74 -3.20
N GLU A 79 -9.18 8.04 -4.23
CA GLU A 79 -10.12 7.48 -5.20
C GLU A 79 -11.09 6.51 -4.54
N LEU A 80 -10.56 5.61 -3.70
CA LEU A 80 -11.40 4.66 -2.97
C LEU A 80 -12.35 5.39 -2.05
N LEU A 81 -11.88 6.43 -1.36
CA LEU A 81 -12.78 7.18 -0.47
C LEU A 81 -13.92 7.81 -1.24
N THR A 82 -13.61 8.29 -2.45
CA THR A 82 -14.66 8.84 -3.30
C THR A 82 -15.64 7.77 -3.78
N GLU A 83 -15.12 6.63 -4.24
CA GLU A 83 -15.98 5.56 -4.73
CA GLU A 83 -15.98 5.56 -4.73
C GLU A 83 -16.90 5.02 -3.64
N THR A 84 -16.45 5.02 -2.38
CA THR A 84 -17.24 4.42 -1.29
C THR A 84 -18.01 5.42 -0.42
N LYS A 85 -17.88 6.72 -0.66
CA LYS A 85 -18.57 7.70 0.18
C LYS A 85 -20.11 7.56 0.09
N SER B 10 33.30 11.96 5.64
CA SER B 10 32.38 11.15 4.85
C SER B 10 31.32 10.47 5.72
N TYR B 11 31.73 10.05 6.92
CA TYR B 11 30.80 9.38 7.84
C TYR B 11 29.52 10.20 8.00
N ASP B 12 29.64 11.52 8.16
CA ASP B 12 28.46 12.37 8.26
C ASP B 12 27.68 12.40 6.96
N ASN B 13 28.37 12.33 5.81
CA ASN B 13 27.68 12.30 4.53
C ASN B 13 26.85 11.02 4.38
N MET B 14 27.44 9.88 4.72
CA MET B 14 26.70 8.63 4.67
C MET B 14 25.53 8.66 5.64
N LEU B 15 25.74 9.23 6.83
CA LEU B 15 24.66 9.37 7.79
C LEU B 15 23.52 10.19 7.21
N LYS B 16 23.83 11.26 6.46
CA LYS B 16 22.78 12.09 5.86
C LYS B 16 22.02 11.33 4.79
N MET B 17 22.74 10.62 3.91
CA MET B 17 22.08 9.82 2.86
C MET B 17 21.17 8.76 3.46
N LEU B 18 21.70 8.05 4.47
CA LEU B 18 20.90 7.05 5.17
C LEU B 18 19.69 7.69 5.81
N SER B 19 19.86 8.84 6.46
CA SER B 19 18.71 9.52 7.06
C SER B 19 17.61 9.76 6.03
N ASP B 20 17.98 10.21 4.83
CA ASP B 20 16.98 10.53 3.81
C ASP B 20 16.31 9.27 3.26
N LEU B 21 17.08 8.21 3.05
CA LEU B 21 16.45 6.97 2.58
C LEU B 21 15.49 6.43 3.63
N ASN B 22 15.93 6.45 4.91
CA ASN B 22 15.09 5.97 6.00
C ASN B 22 13.82 6.77 6.08
N LYS B 23 13.91 8.11 6.00
CA LYS B 23 12.71 8.96 6.03
C LYS B 23 11.74 8.59 4.92
N ASP B 24 12.24 8.39 3.69
CA ASP B 24 11.36 8.12 2.56
C ASP B 24 10.77 6.72 2.64
N LEU B 25 11.58 5.72 3.01
CA LEU B 25 10.99 4.39 3.20
C LEU B 25 9.92 4.42 4.27
N GLU B 26 10.22 5.15 5.38
CA GLU B 26 9.28 5.29 6.49
CA GLU B 26 9.28 5.29 6.49
C GLU B 26 7.97 5.92 6.04
N LYS B 27 8.05 6.95 5.21
CA LYS B 27 6.82 7.58 4.73
C LYS B 27 6.00 6.62 3.90
N LEU B 28 6.64 5.82 3.06
CA LEU B 28 5.90 4.79 2.34
C LEU B 28 5.27 3.77 3.29
N LEU B 29 6.06 3.23 4.20
CA LEU B 29 5.52 2.22 5.13
C LEU B 29 4.36 2.78 5.93
N GLU B 30 4.46 4.03 6.38
CA GLU B 30 3.40 4.62 7.19
C GLU B 30 2.16 4.84 6.36
N GLU B 31 2.34 5.20 5.08
CA GLU B 31 1.19 5.35 4.21
C GLU B 31 0.42 4.05 4.10
N MET B 32 1.14 2.97 3.86
CA MET B 32 0.53 1.66 3.76
C MET B 32 -0.10 1.21 5.07
N GLU B 33 0.53 1.56 6.20
CA GLU B 33 -0.07 1.26 7.51
C GLU B 33 -1.43 1.94 7.65
N LYS B 34 -1.51 3.22 7.25
CA LYS B 34 -2.77 3.95 7.35
C LYS B 34 -3.85 3.31 6.50
N ILE B 35 -3.50 2.98 5.25
CA ILE B 35 -4.46 2.33 4.37
C ILE B 35 -4.92 1.02 4.99
N SER B 36 -3.97 0.21 5.49
CA SER B 36 -4.31 -1.09 6.07
CA SER B 36 -4.31 -1.09 6.07
C SER B 36 -5.33 -0.95 7.19
N VAL B 37 -5.06 -0.05 8.15
CA VAL B 37 -5.94 0.04 9.30
C VAL B 37 -7.29 0.59 8.87
N GLN B 38 -7.28 1.60 7.99
CA GLN B 38 -8.55 2.17 7.60
C GLN B 38 -9.39 1.19 6.80
N ALA B 39 -8.77 0.44 5.90
CA ALA B 39 -9.52 -0.47 5.08
C ALA B 39 -10.10 -1.56 5.95
N THR B 40 -9.34 -2.02 6.95
CA THR B 40 -9.87 -3.06 7.84
C THR B 40 -11.10 -2.55 8.58
N TRP B 41 -11.02 -1.30 9.11
CA TRP B 41 -12.23 -0.83 9.82
C TRP B 41 -13.41 -0.53 8.86
N MET B 42 -13.16 -0.11 7.63
CA MET B 42 -14.28 0.03 6.72
C MET B 42 -15.02 -1.31 6.53
N ALA B 43 -14.26 -2.38 6.40
CA ALA B 43 -14.87 -3.70 6.24
C ALA B 43 -15.56 -4.15 7.50
N TYR B 44 -14.90 -4.02 8.62
CA TYR B 44 -15.50 -4.58 9.82
C TYR B 44 -16.69 -3.79 10.28
N ASP B 45 -16.65 -2.48 10.04
CA ASP B 45 -17.78 -1.65 10.42
C ASP B 45 -18.99 -1.97 9.57
N MET B 46 -18.79 -2.29 8.31
CA MET B 46 -19.92 -2.56 7.44
C MET B 46 -20.58 -3.86 7.87
N VAL B 47 -19.78 -4.87 8.18
CA VAL B 47 -20.37 -6.14 8.54
C VAL B 47 -21.03 -6.07 9.91
N VAL B 48 -20.63 -5.15 10.78
CA VAL B 48 -21.34 -5.03 12.05
C VAL B 48 -22.55 -4.09 11.98
N MET B 49 -22.53 -3.09 11.10
CA MET B 49 -23.71 -2.23 10.89
C MET B 49 -24.63 -2.90 9.87
N ARG B 50 -25.18 -4.06 10.26
CA ARG B 50 -25.96 -4.87 9.33
C ARG B 50 -27.36 -4.29 9.06
N THR B 51 -27.87 -3.42 9.92
CA THR B 51 -29.18 -2.82 9.67
C THR B 51 -29.18 -1.98 8.39
N ASN B 52 -28.02 -1.64 7.87
CA ASN B 52 -27.91 -0.94 6.59
C ASN B 52 -28.86 -1.57 5.56
N PRO B 53 -29.72 -0.79 4.92
CA PRO B 53 -30.67 -1.41 3.98
C PRO B 53 -30.03 -1.90 2.69
N THR B 54 -28.96 -1.26 2.24
CA THR B 54 -28.24 -1.64 1.02
C THR B 54 -26.93 -2.38 1.34
N LEU B 55 -26.96 -3.26 2.35
CA LEU B 55 -25.76 -3.99 2.74
C LEU B 55 -25.12 -4.66 1.52
N ALA B 56 -25.93 -5.32 0.68
CA ALA B 56 -25.37 -6.02 -0.47
C ALA B 56 -24.57 -5.08 -1.36
N GLU B 57 -25.18 -3.94 -1.72
CA GLU B 57 -24.52 -2.97 -2.61
CA GLU B 57 -24.49 -3.02 -2.62
C GLU B 57 -23.29 -2.38 -1.94
N SER B 58 -23.41 -2.00 -0.68
CA SER B 58 -22.24 -1.39 -0.04
C SER B 58 -21.10 -2.38 0.10
N MET B 59 -21.40 -3.64 0.39
CA MET B 59 -20.30 -4.60 0.41
C MET B 59 -19.66 -4.75 -0.98
N ARG B 60 -20.48 -4.82 -2.05
CA ARG B 60 -19.94 -4.94 -3.41
CA ARG B 60 -19.92 -4.95 -3.40
C ARG B 60 -19.05 -3.74 -3.77
N ARG B 61 -19.52 -2.54 -3.47
CA ARG B 61 -18.76 -1.34 -3.80
C ARG B 61 -17.40 -1.32 -3.08
N LEU B 62 -17.42 -1.63 -1.78
CA LEU B 62 -16.20 -1.62 -1.01
C LEU B 62 -15.24 -2.70 -1.49
N GLU B 63 -15.73 -3.91 -1.76
CA GLU B 63 -14.80 -4.97 -2.16
C GLU B 63 -14.23 -4.73 -3.55
N ASP B 64 -15.00 -4.15 -4.45
CA ASP B 64 -14.44 -3.80 -5.75
C ASP B 64 -13.47 -2.63 -5.66
N ALA B 65 -13.72 -1.68 -4.74
CA ALA B 65 -12.74 -0.62 -4.46
C ALA B 65 -11.43 -1.19 -3.91
N PHE B 66 -11.52 -2.16 -3.00
CA PHE B 66 -10.32 -2.82 -2.51
C PHE B 66 -9.54 -3.44 -3.67
N LEU B 67 -10.24 -4.16 -4.56
CA LEU B 67 -9.55 -4.82 -5.67
C LEU B 67 -8.94 -3.80 -6.63
N ASN B 68 -9.62 -2.69 -6.85
CA ASN B 68 -9.10 -1.64 -7.71
C ASN B 68 -7.84 -1.04 -7.12
N CYS B 69 -7.87 -0.74 -5.82
CA CYS B 69 -6.70 -0.20 -5.15
C CYS B 69 -5.53 -1.18 -5.16
N LYS B 70 -5.79 -2.46 -4.90
CA LYS B 70 -4.76 -3.47 -4.98
C LYS B 70 -4.11 -3.49 -6.36
N GLU B 71 -4.92 -3.47 -7.43
CA GLU B 71 -4.39 -3.50 -8.78
C GLU B 71 -3.60 -2.24 -9.12
N GLU B 72 -4.09 -1.06 -8.68
CA GLU B 72 -3.32 0.17 -8.91
C GLU B 72 -1.97 0.12 -8.18
N MET B 73 -1.98 -0.37 -6.94
CA MET B 73 -0.74 -0.46 -6.18
C MET B 73 0.22 -1.40 -6.86
N GLU B 74 -0.28 -2.54 -7.38
CA GLU B 74 0.62 -3.42 -8.16
C GLU B 74 1.25 -2.72 -9.38
N LYS B 75 0.47 -1.91 -10.10
CA LYS B 75 1.04 -1.11 -11.18
C LYS B 75 2.03 -0.08 -10.65
N ASN B 76 1.71 0.65 -9.57
CA ASN B 76 2.71 1.54 -8.94
C ASN B 76 4.02 0.79 -8.64
N TRP B 77 3.91 -0.44 -8.12
CA TRP B 77 5.09 -1.20 -7.72
C TRP B 77 5.90 -1.64 -8.93
N GLN B 78 5.23 -2.05 -10.01
CA GLN B 78 5.94 -2.33 -11.25
C GLN B 78 6.66 -1.08 -11.77
N GLU B 79 6.04 0.09 -11.59
CA GLU B 79 6.70 1.34 -12.00
C GLU B 79 7.99 1.58 -11.21
N LEU B 80 7.92 1.38 -9.89
CA LEU B 80 9.09 1.51 -9.06
C LEU B 80 10.17 0.52 -9.49
N LEU B 81 9.78 -0.73 -9.78
CA LEU B 81 10.76 -1.73 -10.20
C LEU B 81 11.45 -1.31 -11.48
N THR B 82 10.71 -0.69 -12.40
CA THR B 82 11.33 -0.17 -13.62
C THR B 82 12.25 1.01 -13.33
N GLU B 83 11.82 1.95 -12.47
CA GLU B 83 12.63 3.12 -12.18
CA GLU B 83 12.62 3.13 -12.17
C GLU B 83 13.94 2.75 -11.51
N THR B 84 13.96 1.64 -10.75
CA THR B 84 15.15 1.29 -9.96
C THR B 84 15.96 0.11 -10.49
N LYS B 85 15.52 -0.55 -11.54
CA LYS B 85 16.21 -1.74 -12.03
C LYS B 85 17.63 -1.40 -12.52
#